data_1HG5
#
_entry.id   1HG5
#
_cell.length_a   77.446
_cell.length_b   77.446
_cell.length_c   122.162
_cell.angle_alpha   90.00
_cell.angle_beta   90.00
_cell.angle_gamma   90.00
#
_symmetry.space_group_name_H-M   'P 41 21 2'
#
loop_
_entity.id
_entity.type
_entity.pdbx_description
1 polymer 'CLATHRIN ASSEMBLY PROTEIN SHORT FORM'
2 non-polymer 'INOSITOL HEXAKISPHOSPHATE'
3 water water
#
_entity_poly.entity_id   1
_entity_poly.type   'polypeptide(L)'
_entity_poly.pdbx_seq_one_letter_code
;MSGQSLTDRITAAQHSVTGSAVSKTVCKATTHEIMGPKKKHLDYLIQCTNEMNVNIPQLADSLFERTTNSSWVVVFKSLI
TTHHLMVYGNERFIQYLASRNTLFNLSNFLDKSGLQGYDMSTFIRRYSRYLNEKAVSYRQVAFDFTKVKRGADGVMRTMN
TEKLLKTVPIIQNQMDALLDFNVNSNELTNGVINAAFMLLFKDAIRLFAAYNEGIINLLEKYFDMKKNQCKEGLDIYKKF
LTRMTRISEFLKVAEQVGIDRGDIPDLSQAPSSLLDALEQHLASLEGKK
;
_entity_poly.pdbx_strand_id   A
#
# COMPACT_ATOMS: atom_id res chain seq x y z
N GLY A 19 1.97 -27.73 1.43
CA GLY A 19 0.61 -28.03 1.98
C GLY A 19 0.74 -28.03 3.49
N SER A 20 0.79 -29.20 4.12
CA SER A 20 1.14 -29.22 5.54
C SER A 20 2.42 -28.38 5.76
N ALA A 21 3.47 -28.51 4.93
CA ALA A 21 4.70 -27.66 5.15
C ALA A 21 4.39 -26.14 5.01
N VAL A 22 3.46 -25.80 4.12
CA VAL A 22 2.99 -24.45 3.90
C VAL A 22 2.19 -23.97 5.06
N SER A 23 1.28 -24.80 5.48
CA SER A 23 0.36 -24.44 6.54
C SER A 23 1.08 -24.29 7.88
N LYS A 24 2.03 -25.16 8.13
CA LYS A 24 2.81 -25.04 9.36
C LYS A 24 3.63 -23.72 9.38
N THR A 25 4.18 -23.34 8.23
CA THR A 25 5.00 -22.13 8.14
C THR A 25 4.10 -20.88 8.35
N VAL A 26 2.91 -20.93 7.87
CA VAL A 26 2.00 -19.82 8.07
C VAL A 26 1.83 -19.69 9.54
N CYS A 27 1.66 -20.83 10.25
CA CYS A 27 1.49 -20.79 11.73
C CYS A 27 2.70 -20.23 12.42
N LYS A 28 3.89 -20.60 11.96
CA LYS A 28 5.08 -20.09 12.59
C LYS A 28 5.28 -18.56 12.40
N ALA A 29 4.77 -18.07 11.28
CA ALA A 29 4.86 -16.67 10.96
C ALA A 29 3.91 -15.90 11.81
N THR A 30 2.91 -16.53 12.38
CA THR A 30 1.90 -15.86 13.06
C THR A 30 1.68 -16.30 14.48
N THR A 31 2.74 -16.57 15.16
CA THR A 31 2.57 -16.95 16.51
C THR A 31 2.23 -15.73 17.33
N HIS A 32 1.80 -16.07 18.54
CA HIS A 32 1.51 -15.11 19.65
C HIS A 32 2.68 -14.28 20.14
N GLU A 33 3.87 -14.49 19.61
CA GLU A 33 5.01 -13.74 20.11
C GLU A 33 5.04 -12.25 19.61
N ILE A 34 5.47 -11.31 20.47
CA ILE A 34 5.34 -9.86 20.10
C ILE A 34 6.51 -9.36 19.32
N MET A 35 6.56 -9.83 18.08
CA MET A 35 7.46 -9.32 17.10
C MET A 35 6.93 -9.63 15.77
N GLY A 36 7.44 -8.97 14.75
CA GLY A 36 6.97 -9.27 13.39
C GLY A 36 7.34 -10.70 13.06
N PRO A 37 6.78 -11.22 12.02
CA PRO A 37 7.15 -12.55 11.49
C PRO A 37 8.65 -12.64 11.22
N LYS A 38 9.24 -13.77 11.52
CA LYS A 38 10.62 -13.93 11.31
C LYS A 38 11.00 -14.08 9.83
N LYS A 39 12.14 -13.50 9.48
CA LYS A 39 12.73 -13.57 8.10
C LYS A 39 12.76 -15.05 7.54
N LYS A 40 13.14 -15.96 8.39
CA LYS A 40 13.20 -17.35 7.93
C LYS A 40 11.86 -17.94 7.43
N HIS A 41 10.73 -17.69 8.11
CA HIS A 41 9.41 -18.10 7.66
C HIS A 41 8.99 -17.27 6.43
N LEU A 42 9.22 -15.95 6.48
CA LEU A 42 8.96 -15.13 5.30
C LEU A 42 9.69 -15.59 3.99
N ASP A 43 10.96 -15.91 4.07
CA ASP A 43 11.71 -16.33 2.90
C ASP A 43 11.12 -17.65 2.30
N TYR A 44 10.66 -18.56 3.19
CA TYR A 44 10.12 -19.86 2.75
C TYR A 44 8.84 -19.57 2.04
N LEU A 45 8.03 -18.68 2.60
CA LEU A 45 6.75 -18.32 1.95
C LEU A 45 6.91 -17.65 0.60
N ILE A 46 7.88 -16.79 0.49
CA ILE A 46 8.16 -16.13 -0.75
C ILE A 46 8.56 -17.22 -1.80
N GLN A 47 9.34 -18.19 -1.34
CA GLN A 47 9.75 -19.29 -2.24
C GLN A 47 8.53 -20.05 -2.63
N CYS A 48 7.59 -20.22 -1.73
CA CYS A 48 6.35 -20.88 -2.11
C CYS A 48 5.61 -20.17 -3.23
N THR A 49 5.57 -18.87 -3.25
CA THR A 49 4.86 -18.20 -4.29
C THR A 49 5.53 -18.32 -5.60
N ASN A 50 6.81 -18.57 -5.57
CA ASN A 50 7.51 -18.73 -6.80
C ASN A 50 7.43 -20.18 -7.43
N GLU A 51 6.84 -21.18 -6.78
CA GLU A 51 6.83 -22.52 -7.31
C GLU A 51 5.51 -22.77 -8.02
N MET A 52 5.59 -23.18 -9.25
CA MET A 52 4.38 -23.49 -10.03
C MET A 52 3.48 -24.54 -9.51
N ASN A 53 3.95 -25.43 -8.69
CA ASN A 53 3.12 -26.43 -8.15
C ASN A 53 2.49 -26.06 -6.85
N VAL A 54 2.78 -24.92 -6.33
CA VAL A 54 2.15 -24.62 -5.07
C VAL A 54 0.80 -24.07 -5.39
N ASN A 55 -0.14 -24.40 -4.61
CA ASN A 55 -1.49 -23.91 -4.77
C ASN A 55 -1.73 -22.59 -4.04
N ILE A 56 -1.71 -21.50 -4.74
CA ILE A 56 -1.86 -20.22 -4.06
C ILE A 56 -3.07 -20.08 -3.20
N PRO A 57 -4.27 -20.49 -3.62
CA PRO A 57 -5.44 -20.34 -2.81
C PRO A 57 -5.39 -20.99 -1.48
N GLN A 58 -4.75 -22.13 -1.35
CA GLN A 58 -4.69 -22.75 -0.05
C GLN A 58 -3.77 -21.91 0.84
N LEU A 59 -2.69 -21.41 0.26
CA LEU A 59 -1.78 -20.50 1.04
C LEU A 59 -2.53 -19.28 1.56
N ALA A 60 -3.24 -18.59 0.71
CA ALA A 60 -4.06 -17.43 1.09
C ALA A 60 -5.10 -17.68 2.10
N ASP A 61 -5.76 -18.84 1.98
CA ASP A 61 -6.81 -19.20 2.91
C ASP A 61 -6.24 -19.45 4.28
N SER A 62 -5.08 -20.03 4.37
CA SER A 62 -4.53 -20.18 5.68
C SER A 62 -4.24 -18.84 6.39
N LEU A 63 -3.90 -17.78 5.60
CA LEU A 63 -3.59 -16.47 6.12
C LEU A 63 -4.94 -15.83 6.55
N PHE A 64 -6.00 -15.96 5.75
CA PHE A 64 -7.30 -15.42 6.14
C PHE A 64 -7.79 -16.07 7.40
N GLU A 65 -7.57 -17.36 7.57
CA GLU A 65 -7.99 -18.02 8.81
C GLU A 65 -7.31 -17.50 10.04
N ARG A 66 -6.02 -17.22 9.91
CA ARG A 66 -5.34 -16.71 11.05
C ARG A 66 -5.99 -15.34 11.41
N THR A 67 -6.65 -14.63 10.49
CA THR A 67 -7.23 -13.35 10.84
C THR A 67 -8.59 -13.39 11.53
N THR A 68 -9.10 -14.62 11.81
CA THR A 68 -10.29 -14.83 12.61
C THR A 68 -9.86 -15.13 14.00
N ASN A 69 -8.58 -15.09 14.31
CA ASN A 69 -8.21 -15.33 15.68
C ASN A 69 -8.67 -14.16 16.53
N SER A 70 -8.78 -14.40 17.82
CA SER A 70 -9.25 -13.34 18.69
C SER A 70 -8.06 -12.47 19.16
N SER A 71 -6.82 -12.97 19.06
CA SER A 71 -5.71 -12.18 19.52
C SER A 71 -5.12 -11.15 18.53
N TRP A 72 -4.96 -9.91 19.00
CA TRP A 72 -4.42 -8.86 18.13
C TRP A 72 -3.05 -9.21 17.56
N VAL A 73 -2.26 -9.91 18.30
CA VAL A 73 -0.94 -10.21 17.81
C VAL A 73 -0.94 -11.14 16.57
N VAL A 74 -1.70 -12.18 16.68
CA VAL A 74 -1.91 -13.15 15.61
C VAL A 74 -2.44 -12.50 14.38
N VAL A 75 -3.48 -11.69 14.49
CA VAL A 75 -4.14 -11.08 13.41
C VAL A 75 -3.22 -10.05 12.68
N PHE A 76 -2.51 -9.26 13.48
CA PHE A 76 -1.64 -8.23 12.92
C PHE A 76 -0.47 -8.92 12.15
N LYS A 77 0.07 -9.99 12.71
CA LYS A 77 1.15 -10.70 12.05
C LYS A 77 0.68 -11.34 10.73
N SER A 78 -0.56 -11.78 10.71
CA SER A 78 -1.07 -12.34 9.49
C SER A 78 -1.22 -11.27 8.41
N LEU A 79 -1.61 -10.05 8.83
CA LEU A 79 -1.70 -8.96 7.90
C LEU A 79 -0.31 -8.59 7.36
N ILE A 80 0.66 -8.52 8.28
CA ILE A 80 1.98 -8.19 7.89
C ILE A 80 2.60 -9.25 6.85
N THR A 81 2.40 -10.53 7.15
CA THR A 81 2.84 -11.58 6.27
C THR A 81 2.23 -11.43 4.86
N THR A 82 0.95 -11.13 4.83
CA THR A 82 0.28 -10.89 3.57
C THR A 82 0.88 -9.72 2.79
N HIS A 83 1.11 -8.59 3.47
CA HIS A 83 1.69 -7.39 2.84
C HIS A 83 3.10 -7.78 2.31
N HIS A 84 3.93 -8.49 3.13
CA HIS A 84 5.28 -8.79 2.74
C HIS A 84 5.25 -9.67 1.45
N LEU A 85 4.32 -10.63 1.36
CA LEU A 85 4.12 -11.45 0.15
C LEU A 85 3.65 -10.67 -1.05
N MET A 86 2.88 -9.61 -0.85
CA MET A 86 2.42 -8.80 -1.96
C MET A 86 3.57 -8.00 -2.47
N VAL A 87 4.54 -7.68 -1.62
CA VAL A 87 5.70 -6.87 -2.04
C VAL A 87 6.91 -7.70 -2.60
N TYR A 88 7.19 -8.85 -1.99
CA TYR A 88 8.36 -9.58 -2.32
C TYR A 88 8.01 -10.90 -3.01
N GLY A 89 6.74 -11.31 -3.04
CA GLY A 89 6.37 -12.57 -3.64
C GLY A 89 6.16 -12.42 -5.14
N ASN A 90 6.00 -13.53 -5.80
CA ASN A 90 5.63 -13.58 -7.21
C ASN A 90 4.30 -12.90 -7.40
N GLU A 91 4.15 -12.24 -8.56
CA GLU A 91 2.94 -11.54 -8.92
C GLU A 91 1.71 -12.39 -8.91
N ARG A 92 1.83 -13.69 -9.04
CA ARG A 92 0.67 -14.51 -9.00
C ARG A 92 -0.05 -14.42 -7.67
N PHE A 93 0.61 -14.03 -6.56
CA PHE A 93 -0.04 -13.90 -5.28
C PHE A 93 -0.98 -12.75 -5.24
N ILE A 94 -0.53 -11.56 -5.58
CA ILE A 94 -1.44 -10.48 -5.58
C ILE A 94 -2.55 -10.62 -6.63
N GLN A 95 -2.20 -11.19 -7.79
CA GLN A 95 -3.24 -11.58 -8.81
C GLN A 95 -4.36 -12.45 -8.22
N TYR A 96 -4.04 -13.48 -7.46
CA TYR A 96 -5.12 -14.20 -6.82
C TYR A 96 -5.90 -13.35 -5.85
N LEU A 97 -5.24 -12.56 -4.99
CA LEU A 97 -5.96 -11.75 -4.03
C LEU A 97 -6.92 -10.79 -4.72
N ALA A 98 -6.46 -10.22 -5.78
CA ALA A 98 -7.32 -9.30 -6.48
C ALA A 98 -8.51 -10.01 -7.16
N SER A 99 -8.43 -11.33 -7.35
CA SER A 99 -9.52 -12.05 -8.11
C SER A 99 -10.74 -12.47 -7.31
N ARG A 100 -10.60 -12.39 -5.99
CA ARG A 100 -11.68 -12.73 -5.06
C ARG A 100 -12.74 -11.72 -5.06
N ASN A 101 -13.75 -11.93 -4.22
CA ASN A 101 -14.74 -10.83 -4.05
C ASN A 101 -14.64 -10.17 -2.71
N THR A 102 -14.30 -11.00 -1.72
CA THR A 102 -14.15 -10.48 -0.40
C THR A 102 -12.71 -10.85 0.03
N LEU A 103 -12.13 -9.90 0.76
CA LEU A 103 -10.76 -9.93 1.27
C LEU A 103 -10.77 -9.90 2.79
N PHE A 104 -10.20 -8.89 3.41
CA PHE A 104 -10.19 -8.87 4.85
C PHE A 104 -11.47 -8.24 5.35
N ASN A 105 -12.04 -8.82 6.36
CA ASN A 105 -13.14 -8.17 6.96
C ASN A 105 -12.93 -7.93 8.46
N LEU A 106 -12.21 -6.88 8.76
CA LEU A 106 -11.80 -6.68 10.11
C LEU A 106 -12.25 -5.29 10.59
N SER A 107 -13.23 -4.71 9.92
CA SER A 107 -13.74 -3.34 10.25
C SER A 107 -14.23 -3.17 11.65
N ASN A 108 -14.58 -4.26 12.30
CA ASN A 108 -15.07 -4.17 13.64
C ASN A 108 -14.15 -4.91 14.62
N PHE A 109 -12.94 -5.24 14.21
CA PHE A 109 -12.05 -5.98 15.13
C PHE A 109 -11.80 -5.24 16.45
N LEU A 110 -11.80 -5.95 17.56
CA LEU A 110 -11.47 -5.32 18.86
C LEU A 110 -10.97 -6.37 19.81
N ASP A 111 -9.74 -6.30 20.28
CA ASP A 111 -9.22 -7.31 21.21
C ASP A 111 -9.18 -6.53 22.54
N LYS A 112 -9.91 -7.02 23.54
CA LYS A 112 -10.17 -6.27 24.82
C LYS A 112 -9.47 -6.98 25.91
N SER A 113 -8.57 -7.86 25.57
CA SER A 113 -7.93 -8.61 26.60
C SER A 113 -6.89 -7.85 27.38
N GLY A 114 -6.47 -6.70 26.92
CA GLY A 114 -5.49 -6.00 27.66
C GLY A 114 -5.41 -4.67 26.97
N LEU A 115 -4.69 -3.73 27.56
CA LEU A 115 -4.65 -2.37 27.03
C LEU A 115 -4.00 -2.42 25.60
N GLN A 116 -2.82 -3.02 25.47
CA GLN A 116 -2.13 -3.13 24.20
C GLN A 116 -3.10 -3.57 23.09
N GLY A 117 -3.97 -4.51 23.45
CA GLY A 117 -5.05 -4.93 22.58
C GLY A 117 -5.96 -3.86 22.09
N TYR A 118 -6.48 -3.04 23.04
CA TYR A 118 -7.35 -1.99 22.64
C TYR A 118 -6.67 -0.98 21.71
N ASP A 119 -5.42 -0.69 22.02
CA ASP A 119 -4.71 0.35 21.32
C ASP A 119 -4.29 -0.17 19.87
N MET A 120 -4.03 -1.45 19.72
CA MET A 120 -3.49 -2.07 18.44
C MET A 120 -4.70 -2.32 17.53
N SER A 121 -5.87 -2.50 18.14
CA SER A 121 -7.07 -2.84 17.38
C SER A 121 -7.31 -1.75 16.35
N THR A 122 -7.15 -0.54 16.75
CA THR A 122 -7.46 0.50 15.75
C THR A 122 -6.53 0.42 14.52
N PHE A 123 -5.26 0.12 14.76
CA PHE A 123 -4.30 0.01 13.65
C PHE A 123 -4.57 -1.17 12.76
N ILE A 124 -5.03 -2.28 13.32
CA ILE A 124 -5.48 -3.44 12.54
C ILE A 124 -6.59 -3.13 11.59
N ARG A 125 -7.57 -2.34 12.01
CA ARG A 125 -8.65 -1.94 11.15
C ARG A 125 -8.16 -1.15 9.97
N ARG A 126 -7.27 -0.21 10.25
CA ARG A 126 -6.80 0.69 9.24
C ARG A 126 -5.81 -0.02 8.25
N TYR A 127 -4.97 -0.86 8.77
CA TYR A 127 -4.03 -1.60 7.98
C TYR A 127 -4.75 -2.59 7.01
N SER A 128 -5.75 -3.30 7.51
CA SER A 128 -6.47 -4.21 6.70
C SER A 128 -7.22 -3.49 5.56
N ARG A 129 -7.77 -2.31 5.84
CA ARG A 129 -8.38 -1.56 4.77
C ARG A 129 -7.35 -1.16 3.68
N TYR A 130 -6.16 -0.76 4.06
CA TYR A 130 -5.14 -0.45 3.10
C TYR A 130 -4.86 -1.73 2.26
N LEU A 131 -4.63 -2.86 2.89
CA LEU A 131 -4.33 -4.10 2.09
C LEU A 131 -5.50 -4.46 1.11
N ASN A 132 -6.73 -4.22 1.52
CA ASN A 132 -7.87 -4.45 0.61
C ASN A 132 -7.80 -3.54 -0.64
N GLU A 133 -7.43 -2.29 -0.38
CA GLU A 133 -7.39 -1.31 -1.43
C GLU A 133 -6.25 -1.57 -2.36
N LYS A 134 -5.18 -2.06 -1.82
CA LYS A 134 -4.04 -2.50 -2.64
C LYS A 134 -4.48 -3.62 -3.57
N ALA A 135 -5.29 -4.53 -3.09
CA ALA A 135 -5.72 -5.59 -4.02
C ALA A 135 -6.70 -5.01 -5.09
N VAL A 136 -7.57 -4.16 -4.66
CA VAL A 136 -8.58 -3.63 -5.57
C VAL A 136 -7.97 -2.78 -6.66
N SER A 137 -6.95 -2.05 -6.31
CA SER A 137 -6.26 -1.33 -7.28
C SER A 137 -5.59 -2.20 -8.36
N TYR A 138 -4.96 -3.29 -7.93
CA TYR A 138 -4.45 -4.26 -8.89
C TYR A 138 -5.56 -4.76 -9.79
N ARG A 139 -6.70 -5.11 -9.26
CA ARG A 139 -7.76 -5.61 -10.07
C ARG A 139 -8.26 -4.62 -11.09
N GLN A 140 -8.39 -3.37 -10.71
CA GLN A 140 -8.78 -2.31 -11.64
C GLN A 140 -7.80 -1.96 -12.76
N VAL A 141 -6.48 -2.02 -12.57
CA VAL A 141 -5.61 -1.56 -13.64
C VAL A 141 -4.68 -2.59 -14.15
N ALA A 142 -4.72 -3.77 -13.57
CA ALA A 142 -3.84 -4.88 -14.00
C ALA A 142 -2.33 -4.76 -13.90
N PHE A 143 -1.85 -3.86 -13.07
CA PHE A 143 -0.41 -3.85 -12.76
C PHE A 143 -0.26 -3.28 -11.31
N ASP A 144 0.92 -3.43 -10.72
CA ASP A 144 1.14 -2.91 -9.36
C ASP A 144 1.88 -1.63 -9.54
N PHE A 145 1.27 -0.50 -9.11
CA PHE A 145 1.86 0.81 -9.18
C PHE A 145 3.24 0.91 -8.59
N THR A 146 3.48 0.10 -7.59
CA THR A 146 4.74 0.11 -6.89
C THR A 146 5.90 -0.52 -7.58
N LYS A 147 5.60 -1.39 -8.54
CA LYS A 147 6.63 -2.18 -9.18
C LYS A 147 7.02 -1.79 -10.64
N VAL A 148 6.13 -1.16 -11.36
CA VAL A 148 6.40 -0.80 -12.74
C VAL A 148 7.58 0.19 -13.00
N LYS A 149 8.11 0.13 -14.23
CA LYS A 149 9.29 0.91 -14.66
C LYS A 149 9.09 2.39 -14.44
N ARG A 150 10.04 3.05 -13.84
CA ARG A 150 9.88 4.46 -13.64
C ARG A 150 10.71 5.18 -14.69
N GLY A 151 10.76 6.49 -14.61
CA GLY A 151 11.63 7.25 -15.49
C GLY A 151 10.93 8.11 -16.50
N ALA A 152 11.18 7.75 -17.77
CA ALA A 152 10.72 8.41 -19.00
C ALA A 152 10.35 7.31 -20.04
N ASP A 153 10.86 6.12 -19.80
CA ASP A 153 10.54 5.01 -20.65
C ASP A 153 9.49 4.08 -20.01
N GLY A 154 9.04 4.42 -18.80
CA GLY A 154 8.05 3.63 -18.06
C GLY A 154 6.59 3.97 -18.29
N VAL A 155 5.77 3.10 -17.72
CA VAL A 155 4.33 3.08 -17.74
C VAL A 155 3.70 4.35 -17.27
N MET A 156 3.75 4.58 -15.97
CA MET A 156 3.13 5.77 -15.51
C MET A 156 3.45 6.86 -16.53
N ARG A 157 4.70 7.06 -16.90
CA ARG A 157 4.97 8.23 -17.77
C ARG A 157 4.54 8.18 -19.27
N THR A 158 4.76 7.04 -19.96
CA THR A 158 4.34 6.92 -21.36
C THR A 158 2.92 6.32 -21.54
N MET A 159 1.90 7.07 -21.10
CA MET A 159 0.55 6.56 -21.09
C MET A 159 -0.38 7.59 -21.73
N ASN A 160 -1.24 7.10 -22.61
CA ASN A 160 -2.08 7.97 -23.37
C ASN A 160 -2.97 8.76 -22.46
N THR A 161 -3.51 9.80 -22.99
CA THR A 161 -4.29 10.69 -22.18
C THR A 161 -5.52 10.02 -21.61
N GLU A 162 -6.11 9.09 -22.33
CA GLU A 162 -7.34 8.43 -21.83
C GLU A 162 -7.11 7.61 -20.53
N LYS A 163 -6.21 6.64 -20.63
CA LYS A 163 -5.90 5.74 -19.53
C LYS A 163 -5.43 6.62 -18.34
N LEU A 164 -4.66 7.66 -18.61
CA LEU A 164 -4.09 8.51 -17.56
C LEU A 164 -5.12 9.08 -16.69
N LEU A 165 -6.16 9.59 -17.32
CA LEU A 165 -7.17 10.32 -16.61
C LEU A 165 -7.91 9.33 -15.80
N LYS A 166 -7.75 8.09 -16.20
CA LYS A 166 -8.45 7.02 -15.53
C LYS A 166 -7.75 6.50 -14.30
N THR A 167 -6.47 6.37 -14.49
CA THR A 167 -5.61 5.77 -13.54
C THR A 167 -5.28 6.62 -12.32
N VAL A 168 -4.98 7.90 -12.54
CA VAL A 168 -4.40 8.72 -11.49
C VAL A 168 -5.30 8.68 -10.29
N PRO A 169 -6.58 8.74 -10.50
CA PRO A 169 -7.55 8.66 -9.39
C PRO A 169 -7.50 7.35 -8.56
N ILE A 170 -7.10 6.25 -9.18
CA ILE A 170 -6.90 4.99 -8.47
C ILE A 170 -5.69 5.09 -7.55
N ILE A 171 -4.58 5.60 -8.02
CA ILE A 171 -3.48 5.87 -7.15
C ILE A 171 -3.86 6.71 -5.97
N GLN A 172 -4.66 7.70 -6.22
CA GLN A 172 -4.96 8.66 -5.19
C GLN A 172 -5.70 7.97 -4.16
N ASN A 173 -6.56 7.10 -4.59
CA ASN A 173 -7.38 6.37 -3.64
C ASN A 173 -6.54 5.39 -2.80
N GLN A 174 -5.59 4.74 -3.42
CA GLN A 174 -4.76 3.81 -2.69
C GLN A 174 -3.88 4.62 -1.70
N MET A 175 -3.46 5.81 -2.11
CA MET A 175 -2.62 6.62 -1.28
C MET A 175 -3.39 7.06 -0.11
N ASP A 176 -4.66 7.41 -0.29
CA ASP A 176 -5.48 7.90 0.86
C ASP A 176 -5.61 6.79 1.89
N ALA A 177 -5.81 5.58 1.44
CA ALA A 177 -6.01 4.53 2.43
C ALA A 177 -4.74 4.28 3.17
N LEU A 178 -3.63 4.47 2.48
CA LEU A 178 -2.30 4.20 3.04
C LEU A 178 -2.18 5.27 4.17
N LEU A 179 -2.41 6.55 3.83
CA LEU A 179 -2.22 7.66 4.80
C LEU A 179 -3.21 7.62 5.97
N ASP A 180 -4.35 6.93 5.86
CA ASP A 180 -5.30 6.82 6.99
C ASP A 180 -4.85 5.95 8.15
N PHE A 181 -3.72 5.21 7.89
CA PHE A 181 -3.04 4.48 8.95
C PHE A 181 -2.81 5.48 10.13
N ASN A 182 -2.45 6.69 9.80
CA ASN A 182 -2.33 7.83 10.75
C ASN A 182 -1.66 7.60 12.06
N VAL A 183 -0.48 7.04 12.08
CA VAL A 183 0.19 6.79 13.31
C VAL A 183 1.14 7.94 13.70
N ASN A 184 1.43 8.12 14.97
CA ASN A 184 2.41 9.13 15.44
C ASN A 184 3.57 8.43 15.90
N SER A 185 4.71 9.11 16.03
CA SER A 185 5.93 8.49 16.60
C SER A 185 5.72 7.80 17.89
N ASN A 186 5.07 8.50 18.79
CA ASN A 186 4.93 7.95 20.12
C ASN A 186 4.05 6.74 20.20
N GLU A 187 3.32 6.38 19.14
CA GLU A 187 2.53 5.13 19.12
C GLU A 187 3.33 3.88 18.58
N LEU A 188 4.51 4.13 17.99
CA LEU A 188 5.31 2.99 17.49
C LEU A 188 6.09 2.33 18.62
N THR A 189 5.42 1.53 19.39
CA THR A 189 6.07 1.08 20.62
C THR A 189 6.29 -0.37 20.75
N ASN A 190 5.98 -1.19 19.73
CA ASN A 190 6.32 -2.56 19.82
C ASN A 190 6.75 -3.07 18.43
N GLY A 191 7.33 -4.24 18.40
CA GLY A 191 7.89 -4.77 17.16
C GLY A 191 6.93 -5.09 16.05
N VAL A 192 5.67 -5.27 16.42
CA VAL A 192 4.65 -5.69 15.48
C VAL A 192 4.21 -4.51 14.75
N ILE A 193 3.77 -3.46 15.42
CA ILE A 193 3.36 -2.28 14.69
C ILE A 193 4.59 -1.62 13.95
N ASN A 194 5.80 -1.73 14.47
CA ASN A 194 6.91 -1.18 13.75
C ASN A 194 7.19 -1.91 12.43
N ALA A 195 7.04 -3.22 12.40
CA ALA A 195 7.24 -4.01 11.16
C ALA A 195 6.24 -3.64 10.09
N ALA A 196 5.00 -3.43 10.49
CA ALA A 196 3.97 -2.85 9.62
C ALA A 196 4.32 -1.50 9.04
N PHE A 197 4.77 -0.58 9.88
CA PHE A 197 5.15 0.75 9.47
C PHE A 197 6.27 0.74 8.47
N MET A 198 7.26 -0.12 8.66
CA MET A 198 8.38 -0.20 7.69
C MET A 198 7.92 -0.63 6.31
N LEU A 199 6.98 -1.54 6.22
CA LEU A 199 6.44 -1.87 4.96
C LEU A 199 5.54 -0.79 4.34
N LEU A 200 4.74 -0.14 5.18
CA LEU A 200 3.95 0.97 4.76
C LEU A 200 4.84 2.09 4.18
N PHE A 201 6.01 2.30 4.80
CA PHE A 201 7.00 3.32 4.34
C PHE A 201 7.46 3.03 2.93
N LYS A 202 7.84 1.78 2.71
CA LYS A 202 8.25 1.37 1.39
C LYS A 202 7.21 1.55 0.34
N ASP A 203 6.01 1.15 0.60
CA ASP A 203 4.92 1.31 -0.33
C ASP A 203 4.67 2.84 -0.58
N ALA A 204 4.73 3.65 0.47
CA ALA A 204 4.42 5.07 0.33
C ALA A 204 5.38 5.79 -0.64
N ILE A 205 6.67 5.52 -0.52
CA ILE A 205 7.64 6.09 -1.37
C ILE A 205 7.55 5.68 -2.88
N ARG A 206 7.28 4.43 -3.13
CA ARG A 206 6.99 3.98 -4.48
C ARG A 206 5.69 4.47 -5.02
N LEU A 207 4.65 4.55 -4.19
CA LEU A 207 3.40 5.04 -4.63
C LEU A 207 3.51 6.52 -4.97
N PHE A 208 4.20 7.27 -4.16
CA PHE A 208 4.43 8.68 -4.47
C PHE A 208 5.18 8.90 -5.80
N ALA A 209 6.14 8.06 -6.06
CA ALA A 209 6.91 8.24 -7.23
C ALA A 209 5.97 8.05 -8.40
N ALA A 210 5.08 7.07 -8.29
CA ALA A 210 4.20 6.83 -9.38
C ALA A 210 3.13 7.90 -9.52
N TYR A 211 2.65 8.46 -8.42
CA TYR A 211 1.68 9.47 -8.49
C TYR A 211 2.34 10.73 -9.24
N ASN A 212 3.59 10.96 -8.90
CA ASN A 212 4.29 12.15 -9.34
C ASN A 212 4.58 12.02 -10.79
N GLU A 213 4.99 10.85 -11.22
CA GLU A 213 5.21 10.59 -12.61
C GLU A 213 3.92 10.85 -13.40
N GLY A 214 2.78 10.56 -12.84
CA GLY A 214 1.56 10.79 -13.57
C GLY A 214 1.21 12.25 -13.68
N ILE A 215 1.42 13.01 -12.62
CA ILE A 215 1.18 14.44 -12.69
C ILE A 215 2.09 15.00 -13.79
N ILE A 216 3.32 14.55 -13.83
CA ILE A 216 4.24 15.06 -14.86
C ILE A 216 3.65 14.76 -16.25
N ASN A 217 3.12 13.57 -16.47
CA ASN A 217 2.53 13.24 -17.73
C ASN A 217 1.40 14.24 -17.97
N LEU A 218 0.61 14.49 -16.95
CA LEU A 218 -0.54 15.31 -17.17
C LEU A 218 -0.13 16.70 -17.66
N LEU A 219 0.49 17.46 -16.79
CA LEU A 219 1.02 18.77 -17.15
C LEU A 219 1.58 18.80 -18.56
N GLU A 220 2.36 17.79 -18.90
CA GLU A 220 2.93 17.69 -20.23
C GLU A 220 1.79 17.85 -21.25
N LYS A 221 0.72 17.09 -21.03
CA LYS A 221 -0.41 16.95 -21.95
C LYS A 221 -1.66 17.85 -21.61
N TYR A 222 -1.58 18.67 -20.58
CA TYR A 222 -2.75 19.38 -20.13
C TYR A 222 -3.21 20.59 -20.98
N PHE A 223 -2.42 20.97 -21.99
CA PHE A 223 -2.75 22.11 -22.85
C PHE A 223 -3.31 21.64 -24.23
N ASP A 224 -2.66 20.60 -24.79
CA ASP A 224 -2.95 19.92 -26.08
C ASP A 224 -4.29 19.06 -25.99
N MET A 225 -5.04 19.20 -24.89
CA MET A 225 -6.20 18.31 -24.64
C MET A 225 -7.60 18.98 -24.68
N LYS A 226 -8.64 18.16 -24.84
CA LYS A 226 -10.02 18.66 -24.94
C LYS A 226 -10.35 19.46 -23.72
N LYS A 227 -11.51 20.07 -23.73
CA LYS A 227 -11.90 20.95 -22.66
C LYS A 227 -12.49 20.24 -21.42
N ASN A 228 -13.24 19.17 -21.64
CA ASN A 228 -13.82 18.53 -20.49
C ASN A 228 -12.74 17.72 -19.79
N GLN A 229 -11.89 17.11 -20.60
CA GLN A 229 -10.67 16.51 -20.13
C GLN A 229 -10.00 17.54 -19.16
N CYS A 230 -9.43 18.59 -19.75
CA CYS A 230 -8.83 19.66 -18.99
C CYS A 230 -9.42 19.85 -17.67
N LYS A 231 -10.67 19.49 -17.55
CA LYS A 231 -11.38 19.79 -16.35
C LYS A 231 -11.27 18.68 -15.30
N GLU A 232 -11.20 17.45 -15.79
CA GLU A 232 -10.97 16.29 -14.98
C GLU A 232 -9.50 16.48 -14.47
N GLY A 233 -8.60 16.71 -15.43
CA GLY A 233 -7.24 17.06 -15.14
C GLY A 233 -7.27 17.98 -13.95
N LEU A 234 -7.64 19.23 -14.14
CA LEU A 234 -7.61 20.20 -13.07
C LEU A 234 -7.96 19.61 -11.71
N ASP A 235 -8.94 18.76 -11.68
CA ASP A 235 -9.40 18.23 -10.41
C ASP A 235 -8.41 17.26 -9.70
N ILE A 236 -7.64 16.57 -10.52
CA ILE A 236 -6.63 15.65 -10.08
C ILE A 236 -5.45 16.47 -9.51
N TYR A 237 -5.00 17.48 -10.26
CA TYR A 237 -3.83 18.29 -9.86
C TYR A 237 -4.22 18.92 -8.59
N LYS A 238 -5.49 19.21 -8.57
CA LYS A 238 -5.99 19.81 -7.39
C LYS A 238 -5.78 18.85 -6.23
N LYS A 239 -6.24 17.62 -6.36
CA LYS A 239 -6.29 16.78 -5.19
C LYS A 239 -4.86 16.32 -4.85
N PHE A 240 -4.01 16.22 -5.87
CA PHE A 240 -2.61 15.93 -5.65
C PHE A 240 -1.93 16.93 -4.71
N LEU A 241 -2.22 18.19 -4.89
CA LEU A 241 -1.62 19.17 -4.01
C LEU A 241 -2.03 19.03 -2.55
N THR A 242 -3.24 18.64 -2.22
CA THR A 242 -3.50 18.45 -0.79
C THR A 242 -2.89 17.10 -0.31
N ARG A 243 -2.73 16.14 -1.20
CA ARG A 243 -2.15 14.87 -0.77
C ARG A 243 -0.64 15.00 -0.49
N MET A 244 -0.04 15.94 -1.21
CA MET A 244 1.37 16.36 -1.02
C MET A 244 1.59 16.80 0.39
N THR A 245 0.62 17.47 0.93
CA THR A 245 0.81 17.97 2.23
C THR A 245 0.76 16.83 3.23
N ARG A 246 -0.11 15.89 2.98
CA ARG A 246 -0.26 14.78 3.90
C ARG A 246 0.95 13.86 3.84
N ILE A 247 1.53 13.68 2.68
CA ILE A 247 2.68 12.85 2.50
C ILE A 247 3.85 13.37 3.30
N SER A 248 3.96 14.67 3.25
CA SER A 248 5.02 15.28 3.96
C SER A 248 4.84 15.12 5.42
N GLU A 249 3.61 15.07 5.95
CA GLU A 249 3.47 14.81 7.39
C GLU A 249 3.84 13.34 7.76
N PHE A 250 3.51 12.43 6.85
CA PHE A 250 3.87 11.05 6.99
C PHE A 250 5.39 10.90 7.01
N LEU A 251 6.16 11.49 6.07
CA LEU A 251 7.63 11.33 6.08
C LEU A 251 8.30 11.97 7.25
N LYS A 252 7.60 12.88 7.88
CA LYS A 252 8.14 13.52 9.04
C LYS A 252 8.02 12.58 10.23
N VAL A 253 7.01 11.73 10.23
CA VAL A 253 6.95 10.68 11.27
C VAL A 253 8.15 9.73 11.07
N ALA A 254 8.45 9.45 9.86
CA ALA A 254 9.53 8.57 9.57
C ALA A 254 10.81 9.16 9.94
N GLU A 255 10.92 10.47 9.72
CA GLU A 255 12.11 11.16 10.19
C GLU A 255 12.26 11.12 11.74
N GLN A 256 11.17 11.40 12.45
CA GLN A 256 11.18 11.35 13.92
C GLN A 256 11.54 9.99 14.46
N VAL A 257 11.08 8.94 13.85
CA VAL A 257 11.40 7.55 14.30
C VAL A 257 12.83 7.19 14.14
N GLY A 258 13.54 7.77 13.14
CA GLY A 258 14.96 7.52 12.96
C GLY A 258 15.37 6.92 11.63
N ILE A 259 14.44 6.78 10.71
CA ILE A 259 14.77 6.23 9.33
C ILE A 259 15.95 6.98 8.71
N ASP A 260 16.81 6.25 8.06
CA ASP A 260 17.99 6.78 7.39
C ASP A 260 17.47 7.93 6.46
N ARG A 261 18.00 9.14 6.67
CA ARG A 261 17.55 10.24 5.86
C ARG A 261 17.88 10.08 4.39
N GLY A 262 18.88 9.25 4.07
CA GLY A 262 19.11 8.93 2.69
C GLY A 262 17.94 8.13 1.99
N ASP A 263 17.13 7.39 2.74
CA ASP A 263 16.02 6.68 2.13
C ASP A 263 14.77 7.51 1.97
N ILE A 264 14.73 8.75 2.49
CA ILE A 264 13.53 9.55 2.52
C ILE A 264 13.61 10.44 1.31
N PRO A 265 12.54 10.52 0.54
CA PRO A 265 12.70 11.18 -0.79
C PRO A 265 12.47 12.64 -0.63
N ASP A 266 13.05 13.35 -1.56
CA ASP A 266 12.99 14.79 -1.61
C ASP A 266 11.73 15.23 -2.24
N LEU A 267 10.88 15.89 -1.51
CA LEU A 267 9.73 16.54 -2.12
C LEU A 267 10.10 18.08 -2.29
N SER A 268 10.36 18.52 -3.49
CA SER A 268 10.69 19.90 -3.76
C SER A 268 10.45 19.69 -5.23
N GLN A 269 9.20 19.69 -5.63
CA GLN A 269 8.96 19.13 -6.97
C GLN A 269 7.49 19.05 -7.53
N ALA A 270 7.15 20.06 -8.36
CA ALA A 270 5.96 20.14 -9.29
C ALA A 270 4.64 20.84 -8.87
N PRO A 271 4.58 21.61 -7.78
CA PRO A 271 3.36 22.23 -7.27
C PRO A 271 3.20 23.71 -7.37
N SER A 272 3.85 24.36 -8.30
CA SER A 272 3.64 25.79 -8.34
C SER A 272 2.68 26.22 -9.46
N SER A 273 2.48 25.40 -10.50
CA SER A 273 1.65 25.78 -11.65
C SER A 273 0.12 25.80 -11.51
N LEU A 274 -0.45 26.08 -10.34
CA LEU A 274 -1.91 26.05 -10.29
C LEU A 274 -2.59 27.07 -11.25
N LEU A 275 -1.82 27.67 -12.16
CA LEU A 275 -2.35 28.68 -13.10
C LEU A 275 -2.47 28.16 -14.55
N ASP A 276 -3.30 27.12 -14.61
CA ASP A 276 -3.88 26.54 -15.80
C ASP A 276 -5.36 26.39 -15.38
N ALA A 277 -5.66 26.82 -14.15
CA ALA A 277 -7.02 26.98 -13.68
C ALA A 277 -7.62 28.14 -14.50
N LEU A 278 -6.83 28.62 -15.47
CA LEU A 278 -7.30 29.63 -16.40
C LEU A 278 -7.10 29.23 -17.85
N GLU A 279 -6.54 28.07 -18.13
CA GLU A 279 -6.53 27.71 -19.54
C GLU A 279 -7.93 27.25 -19.92
N GLN A 280 -8.86 27.40 -18.96
CA GLN A 280 -10.28 27.29 -19.23
C GLN A 280 -10.69 28.73 -19.46
N HIS A 281 -10.04 29.25 -20.49
CA HIS A 281 -10.26 30.54 -21.08
C HIS A 281 -11.52 30.34 -21.93
#